data_1KO8
#
_entry.id   1KO8
#
_cell.length_a   44.790
_cell.length_b   89.120
_cell.length_c   51.560
_cell.angle_alpha   90.00
_cell.angle_beta   109.69
_cell.angle_gamma   90.00
#
_symmetry.space_group_name_H-M   'P 1 21 1'
#
loop_
_entity.id
_entity.type
_entity.pdbx_description
1 polymer 'Gluconate kinase'
2 non-polymer '6-PHOSPHOGLUCONIC ACID'
3 non-polymer 'MAGNESIUM ION'
4 water water
#
_entity_poly.entity_id   1
_entity_poly.type   'polypeptide(L)'
_entity_poly.pdbx_seq_one_letter_code
;MSTTNHDHHIYVLMGVSGSGKSAVASEVAHQLHAAFLDGDFLHPRRNIEKMASGEPLNDDDRKPWLQALNDAAFAMQRTN
KVSLIVCSALKKHYRDLLREGNPNLSFIYLKGDFDVIESRLKARKGHFFKTQMLVTQFETLQEPGADETDVLVVDIDQPL
EGVVASTIEVIKKGK
;
_entity_poly.pdbx_strand_id   A,B
#
loop_
_chem_comp.id
_chem_comp.type
_chem_comp.name
_chem_comp.formula
6PG D-saccharide '6-PHOSPHOGLUCONIC ACID' 'C6 H13 O10 P'
MG non-polymer 'MAGNESIUM ION' 'Mg 2'
#
# COMPACT_ATOMS: atom_id res chain seq x y z
N THR A 3 4.73 3.92 19.95
CA THR A 3 3.44 3.60 20.66
C THR A 3 2.25 3.81 19.73
N THR A 4 1.07 3.60 20.31
CA THR A 4 -0.19 3.80 19.64
C THR A 4 -0.59 5.27 19.68
N ASN A 5 -1.24 5.79 18.65
CA ASN A 5 -1.75 7.14 18.75
C ASN A 5 -3.25 7.02 18.58
N HIS A 6 -3.96 7.01 19.70
CA HIS A 6 -5.39 6.78 19.68
C HIS A 6 -6.14 7.92 18.99
N ASP A 7 -5.43 8.97 18.60
CA ASP A 7 -6.07 10.03 17.82
C ASP A 7 -6.11 9.52 16.38
N HIS A 8 -5.22 8.59 16.06
CA HIS A 8 -5.08 8.05 14.71
C HIS A 8 -5.75 6.71 14.68
N HIS A 9 -6.41 6.39 13.56
CA HIS A 9 -7.19 5.17 13.45
C HIS A 9 -6.93 4.43 12.15
N ILE A 10 -7.12 3.11 12.17
CA ILE A 10 -6.97 2.27 11.00
C ILE A 10 -8.29 1.58 10.77
N TYR A 11 -8.78 1.65 9.54
CA TYR A 11 -9.99 1.00 9.15
C TYR A 11 -9.60 -0.18 8.27
N VAL A 12 -10.15 -1.35 8.54
CA VAL A 12 -9.91 -2.44 7.64
C VAL A 12 -11.17 -2.77 6.91
N LEU A 13 -11.16 -2.65 5.57
CA LEU A 13 -12.35 -3.04 4.80
C LEU A 13 -12.19 -4.50 4.62
N MET A 14 -13.23 -5.24 5.03
CA MET A 14 -13.28 -6.68 4.88
C MET A 14 -14.41 -6.98 3.92
N GLY A 15 -14.54 -8.24 3.51
CA GLY A 15 -15.56 -8.57 2.53
C GLY A 15 -15.02 -9.52 1.52
N VAL A 16 -15.82 -10.51 1.18
CA VAL A 16 -15.43 -11.53 0.24
C VAL A 16 -14.76 -10.92 -0.98
N SER A 17 -14.11 -11.77 -1.75
CA SER A 17 -13.44 -11.30 -2.92
C SER A 17 -14.52 -10.88 -3.92
N GLY A 18 -14.25 -9.83 -4.68
CA GLY A 18 -15.21 -9.31 -5.64
C GLY A 18 -16.14 -8.24 -5.15
N SER A 19 -16.02 -7.88 -3.88
CA SER A 19 -16.95 -6.91 -3.30
C SER A 19 -16.50 -5.50 -3.52
N GLY A 20 -15.32 -5.35 -4.13
CA GLY A 20 -14.80 -4.06 -4.56
C GLY A 20 -13.99 -3.25 -3.57
N LYS A 21 -13.35 -3.95 -2.62
CA LYS A 21 -12.67 -3.28 -1.52
C LYS A 21 -11.59 -2.35 -2.00
N SER A 22 -10.78 -2.83 -2.92
CA SER A 22 -9.64 -2.08 -3.33
C SER A 22 -10.10 -0.80 -4.01
N ALA A 23 -10.94 -0.97 -5.02
CA ALA A 23 -11.57 0.14 -5.69
C ALA A 23 -12.20 1.15 -4.71
N VAL A 24 -12.88 0.67 -3.69
CA VAL A 24 -13.51 1.62 -2.80
C VAL A 24 -12.48 2.37 -2.01
N ALA A 25 -11.64 1.59 -1.29
CA ALA A 25 -10.59 2.07 -0.41
C ALA A 25 -9.71 3.07 -1.13
N SER A 26 -9.38 2.72 -2.36
CA SER A 26 -8.54 3.55 -3.19
C SER A 26 -9.19 4.89 -3.36
N GLU A 27 -10.50 4.88 -3.55
CA GLU A 27 -11.23 6.12 -3.78
C GLU A 27 -11.57 6.81 -2.50
N VAL A 28 -11.68 6.06 -1.42
CA VAL A 28 -12.01 6.73 -0.19
C VAL A 28 -10.74 7.34 0.29
N ALA A 29 -9.65 6.63 0.05
CA ALA A 29 -8.40 7.21 0.48
C ALA A 29 -8.31 8.56 -0.16
N HIS A 30 -8.03 8.58 -1.45
CA HIS A 30 -7.84 9.80 -2.21
C HIS A 30 -8.74 10.97 -1.84
N GLN A 31 -10.02 10.71 -1.62
CA GLN A 31 -10.92 11.79 -1.27
C GLN A 31 -10.79 12.26 0.17
N LEU A 32 -9.83 11.71 0.93
CA LEU A 32 -9.79 11.98 2.35
C LEU A 32 -8.41 12.28 2.82
N HIS A 33 -7.43 12.04 1.95
CA HIS A 33 -5.99 12.18 2.24
C HIS A 33 -5.44 11.15 3.22
N ALA A 34 -6.00 9.94 3.19
CA ALA A 34 -5.59 8.86 4.08
C ALA A 34 -4.52 7.98 3.50
N ALA A 35 -3.98 7.14 4.36
CA ALA A 35 -3.03 6.14 3.94
C ALA A 35 -3.85 4.95 3.44
N PHE A 36 -3.41 4.30 2.38
CA PHE A 36 -4.18 3.16 1.86
C PHE A 36 -3.23 2.07 1.49
N LEU A 37 -3.38 0.91 2.15
CA LEU A 37 -2.59 -0.27 1.85
C LEU A 37 -3.53 -1.36 1.39
N ASP A 38 -3.26 -1.94 0.23
CA ASP A 38 -4.05 -3.04 -0.27
C ASP A 38 -3.27 -4.23 0.28
N GLY A 39 -3.87 -4.96 1.19
CA GLY A 39 -3.17 -6.02 1.86
C GLY A 39 -2.91 -7.22 0.99
N ASP A 40 -3.53 -7.31 -0.19
CA ASP A 40 -3.22 -8.43 -1.04
C ASP A 40 -1.73 -8.30 -1.28
N PHE A 41 -1.19 -7.09 -1.17
CA PHE A 41 0.21 -6.86 -1.50
C PHE A 41 1.26 -7.38 -0.50
N LEU A 42 0.84 -7.85 0.67
CA LEU A 42 1.84 -8.24 1.68
C LEU A 42 1.99 -9.73 1.92
N HIS A 43 1.48 -10.54 1.02
CA HIS A 43 1.72 -11.98 1.16
C HIS A 43 3.18 -12.21 0.91
N PRO A 44 3.75 -13.21 1.56
CA PRO A 44 5.17 -13.55 1.41
C PRO A 44 5.38 -14.19 0.08
N ARG A 45 6.56 -13.99 -0.48
CA ARG A 45 6.95 -14.56 -1.77
C ARG A 45 6.30 -15.93 -2.09
N ARG A 46 6.50 -16.92 -1.22
CA ARG A 46 5.94 -18.22 -1.47
C ARG A 46 4.44 -18.16 -1.63
N ASN A 47 3.78 -17.48 -0.71
CA ASN A 47 2.35 -17.38 -0.79
C ASN A 47 1.89 -17.07 -2.20
N ILE A 48 2.68 -16.27 -2.90
CA ILE A 48 2.29 -15.89 -4.24
C ILE A 48 2.45 -17.05 -5.21
N GLU A 49 3.56 -17.77 -5.06
CA GLU A 49 3.90 -18.87 -5.94
C GLU A 49 2.88 -19.96 -5.73
N LYS A 50 2.58 -20.24 -4.47
CA LYS A 50 1.50 -21.18 -4.19
C LYS A 50 0.28 -20.79 -4.96
N MET A 51 -0.24 -19.60 -4.70
CA MET A 51 -1.43 -19.17 -5.43
C MET A 51 -1.15 -19.17 -6.90
N ALA A 52 0.12 -19.10 -7.29
CA ALA A 52 0.41 -19.03 -8.72
C ALA A 52 0.28 -20.38 -9.40
N SER A 53 -0.03 -21.39 -8.59
CA SER A 53 -0.11 -22.76 -9.08
C SER A 53 -1.53 -23.30 -9.19
N GLY A 54 -2.52 -22.49 -8.85
CA GLY A 54 -3.91 -22.90 -8.90
C GLY A 54 -4.55 -23.29 -7.56
N GLU A 55 -3.75 -23.32 -6.50
CA GLU A 55 -4.24 -23.76 -5.20
C GLU A 55 -4.24 -22.73 -4.05
N PRO A 56 -5.36 -22.64 -3.36
CA PRO A 56 -5.49 -21.72 -2.22
C PRO A 56 -4.62 -22.08 -1.01
N LEU A 57 -4.34 -21.05 -0.22
CA LEU A 57 -3.53 -21.17 0.98
C LEU A 57 -4.38 -21.64 2.14
N ASN A 58 -3.71 -22.24 3.11
CA ASN A 58 -4.36 -22.66 4.33
C ASN A 58 -4.15 -21.62 5.41
N ASP A 59 -4.89 -21.74 6.50
CA ASP A 59 -4.72 -20.81 7.61
C ASP A 59 -3.27 -20.79 8.01
N ASP A 60 -2.57 -21.82 7.61
CA ASP A 60 -1.18 -21.88 7.93
C ASP A 60 -0.49 -20.76 7.21
N ASP A 61 -0.81 -20.65 5.94
CA ASP A 61 -0.14 -19.70 5.09
C ASP A 61 -0.48 -18.27 5.44
N ARG A 62 -1.73 -18.05 5.83
CA ARG A 62 -2.20 -16.71 6.17
C ARG A 62 -1.49 -16.08 7.37
N LYS A 63 -0.94 -16.95 8.22
CA LYS A 63 -0.28 -16.51 9.43
C LYS A 63 0.67 -15.33 9.17
N PRO A 64 1.71 -15.56 8.37
CA PRO A 64 2.70 -14.51 8.12
C PRO A 64 2.01 -13.37 7.39
N TRP A 65 0.96 -13.67 6.64
CA TRP A 65 0.29 -12.60 5.92
C TRP A 65 -0.47 -11.71 6.87
N LEU A 66 -1.10 -12.29 7.88
CA LEU A 66 -1.84 -11.45 8.80
C LEU A 66 -0.95 -10.60 9.69
N GLN A 67 0.18 -11.15 10.11
CA GLN A 67 1.13 -10.43 10.95
C GLN A 67 1.69 -9.13 10.34
N ALA A 68 2.05 -9.18 9.07
CA ALA A 68 2.55 -8.07 8.25
C ALA A 68 1.45 -7.04 8.18
N LEU A 69 0.23 -7.47 7.98
CA LEU A 69 -0.89 -6.55 7.98
C LEU A 69 -0.95 -5.89 9.34
N ASN A 70 -0.75 -6.67 10.39
CA ASN A 70 -0.79 -6.17 11.76
C ASN A 70 0.35 -5.20 11.94
N ASP A 71 1.48 -5.61 11.41
CA ASP A 71 2.66 -4.77 11.41
C ASP A 71 2.27 -3.47 10.70
N ALA A 72 1.97 -3.54 9.41
CA ALA A 72 1.52 -2.40 8.63
C ALA A 72 0.47 -1.52 9.27
N ALA A 73 -0.44 -2.09 10.04
CA ALA A 73 -1.42 -1.26 10.71
C ALA A 73 -0.66 -0.50 11.78
N PHE A 74 0.22 -1.21 12.45
CA PHE A 74 0.94 -0.54 13.48
C PHE A 74 1.77 0.64 12.95
N ALA A 75 2.34 0.47 11.76
CA ALA A 75 3.19 1.48 11.15
C ALA A 75 2.37 2.63 10.58
N MET A 76 1.24 2.33 9.97
CA MET A 76 0.50 3.43 9.38
C MET A 76 -0.03 4.47 10.38
N GLN A 77 -0.24 4.03 11.62
CA GLN A 77 -0.98 4.82 12.61
C GLN A 77 -0.06 5.69 13.36
N ARG A 78 1.22 5.55 13.08
CA ARG A 78 2.20 6.41 13.71
C ARG A 78 2.12 7.78 13.07
N THR A 79 1.91 7.83 11.77
CA THR A 79 1.93 9.09 11.03
C THR A 79 0.67 9.46 10.25
N ASN A 80 -0.42 8.72 10.42
CA ASN A 80 -1.64 9.01 9.66
C ASN A 80 -2.89 9.04 10.54
N LYS A 81 -3.70 10.07 10.38
CA LYS A 81 -4.89 10.28 11.20
C LYS A 81 -5.83 9.16 10.91
N VAL A 82 -5.99 8.92 9.63
CA VAL A 82 -6.82 7.81 9.22
C VAL A 82 -6.06 6.95 8.23
N SER A 83 -6.11 5.67 8.47
CA SER A 83 -5.49 4.69 7.59
C SER A 83 -6.46 3.59 7.21
N LEU A 84 -6.51 3.33 5.90
CA LEU A 84 -7.33 2.31 5.21
C LEU A 84 -6.52 1.07 4.87
N ILE A 85 -6.92 -0.08 5.39
CA ILE A 85 -6.29 -1.35 5.03
C ILE A 85 -7.28 -2.32 4.36
N VAL A 86 -6.91 -2.85 3.21
CA VAL A 86 -7.83 -3.78 2.59
C VAL A 86 -7.47 -5.17 2.96
N CYS A 87 -8.47 -5.87 3.48
CA CYS A 87 -8.32 -7.23 3.90
C CYS A 87 -9.68 -7.89 3.95
N SER A 88 -9.75 -9.01 3.25
CA SER A 88 -11.00 -9.84 3.16
C SER A 88 -11.48 -10.05 4.57
N ALA A 89 -10.58 -10.64 5.37
CA ALA A 89 -10.81 -10.93 6.79
C ALA A 89 -12.04 -11.78 7.03
N LEU A 90 -12.15 -12.89 6.31
CA LEU A 90 -13.39 -13.68 6.39
C LEU A 90 -13.64 -14.26 7.77
N LYS A 91 -12.61 -14.86 8.37
CA LYS A 91 -12.75 -15.41 9.72
C LYS A 91 -12.42 -14.50 10.90
N LYS A 92 -13.22 -14.62 11.95
CA LYS A 92 -13.03 -13.85 13.20
C LYS A 92 -11.56 -13.82 13.60
N HIS A 93 -10.95 -14.99 13.73
CA HIS A 93 -9.56 -15.15 14.13
C HIS A 93 -8.64 -14.24 13.34
N TYR A 94 -8.82 -14.19 12.03
CA TYR A 94 -8.04 -13.24 11.21
C TYR A 94 -8.23 -11.83 11.75
N ARG A 95 -9.49 -11.49 12.04
CA ARG A 95 -9.84 -10.16 12.57
C ARG A 95 -9.21 -9.99 13.94
N ASP A 96 -9.24 -11.06 14.70
CA ASP A 96 -8.55 -11.07 15.97
C ASP A 96 -7.08 -10.80 15.76
N LEU A 97 -6.46 -11.46 14.79
CA LEU A 97 -5.04 -11.26 14.55
C LEU A 97 -4.72 -9.82 14.23
N LEU A 98 -5.70 -9.16 13.61
CA LEU A 98 -5.52 -7.78 13.19
C LEU A 98 -5.62 -6.80 14.31
N ARG A 99 -6.57 -7.02 15.21
CA ARG A 99 -6.81 -6.17 16.38
C ARG A 99 -5.68 -6.23 17.37
N GLU A 100 -5.13 -7.41 17.51
CA GLU A 100 -4.10 -7.65 18.47
C GLU A 100 -3.03 -6.59 18.38
N GLY A 101 -2.85 -5.85 19.46
CA GLY A 101 -1.86 -4.81 19.51
C GLY A 101 -2.31 -3.53 18.86
N ASN A 102 -3.46 -3.56 18.18
CA ASN A 102 -3.95 -2.35 17.47
C ASN A 102 -5.35 -1.95 17.91
N PRO A 103 -5.45 -1.36 19.09
CA PRO A 103 -6.74 -1.02 19.67
C PRO A 103 -7.38 0.11 18.90
N ASN A 104 -6.60 0.77 18.05
CA ASN A 104 -7.12 1.91 17.29
C ASN A 104 -7.52 1.50 15.85
N LEU A 105 -7.97 0.25 15.69
CA LEU A 105 -8.34 -0.31 14.38
C LEU A 105 -9.68 -1.07 14.35
N SER A 106 -10.53 -0.72 13.39
CA SER A 106 -11.83 -1.32 13.28
C SER A 106 -12.04 -1.88 11.85
N PHE A 107 -13.18 -2.45 11.60
CA PHE A 107 -13.44 -2.98 10.28
C PHE A 107 -14.61 -2.23 9.63
N ILE A 108 -14.64 -2.21 8.30
CA ILE A 108 -15.74 -1.65 7.56
C ILE A 108 -16.01 -2.78 6.64
N TYR A 109 -17.08 -3.48 6.91
CA TYR A 109 -17.49 -4.61 6.12
C TYR A 109 -18.33 -3.97 5.07
N LEU A 110 -18.08 -4.29 3.80
CA LEU A 110 -18.93 -3.86 2.72
C LEU A 110 -19.63 -5.15 2.45
N LYS A 111 -20.95 -5.22 2.63
CA LYS A 111 -21.60 -6.52 2.41
C LYS A 111 -22.81 -6.55 1.45
N GLY A 112 -22.83 -7.57 0.61
CA GLY A 112 -23.92 -7.82 -0.32
C GLY A 112 -24.05 -9.32 -0.44
N ASP A 113 -25.16 -9.78 -1.00
CA ASP A 113 -25.31 -11.20 -1.18
C ASP A 113 -24.91 -11.60 -2.57
N PHE A 114 -24.77 -12.89 -2.76
CA PHE A 114 -24.24 -13.43 -3.99
C PHE A 114 -24.73 -12.73 -5.26
N ASP A 115 -26.03 -12.50 -5.38
CA ASP A 115 -26.54 -11.94 -6.63
C ASP A 115 -26.02 -10.52 -6.93
N VAL A 116 -25.61 -9.81 -5.88
CA VAL A 116 -25.12 -8.43 -5.94
C VAL A 116 -23.63 -8.35 -6.31
N ILE A 117 -22.89 -9.39 -5.96
CA ILE A 117 -21.50 -9.32 -6.27
C ILE A 117 -21.41 -9.88 -7.66
N GLU A 118 -22.26 -10.86 -7.95
CA GLU A 118 -22.23 -11.41 -9.28
C GLU A 118 -22.42 -10.26 -10.25
N SER A 119 -23.49 -9.52 -10.06
CA SER A 119 -23.82 -8.49 -11.02
C SER A 119 -22.82 -7.37 -11.01
N ARG A 120 -22.20 -7.11 -9.87
CA ARG A 120 -21.23 -6.03 -9.83
C ARG A 120 -20.01 -6.47 -10.58
N LEU A 121 -19.76 -7.78 -10.53
CA LEU A 121 -18.61 -8.35 -11.18
C LEU A 121 -18.87 -8.39 -12.67
N LYS A 122 -20.13 -8.58 -13.03
CA LYS A 122 -20.48 -8.67 -14.44
C LYS A 122 -20.48 -7.29 -15.11
N ALA A 123 -20.29 -6.24 -14.33
CA ALA A 123 -20.29 -4.87 -14.91
C ALA A 123 -19.00 -4.51 -15.67
N ARG A 124 -17.96 -5.29 -15.43
CA ARG A 124 -16.75 -5.17 -16.20
C ARG A 124 -16.98 -5.99 -17.47
N LYS A 125 -17.09 -5.33 -18.61
CA LYS A 125 -17.39 -6.01 -19.86
C LYS A 125 -16.50 -7.22 -20.14
N GLY A 126 -17.14 -8.33 -20.48
CA GLY A 126 -16.46 -9.55 -20.88
C GLY A 126 -15.82 -10.32 -19.75
N HIS A 127 -15.98 -9.81 -18.52
CA HIS A 127 -15.33 -10.42 -17.37
C HIS A 127 -16.06 -11.71 -16.97
N PHE A 128 -15.32 -12.81 -16.96
CA PHE A 128 -15.90 -14.10 -16.68
C PHE A 128 -16.15 -14.26 -15.20
N PHE A 129 -17.40 -14.49 -14.86
CA PHE A 129 -17.77 -14.70 -13.49
C PHE A 129 -17.54 -16.16 -13.11
N LYS A 130 -16.76 -16.33 -12.08
CA LYS A 130 -16.36 -17.63 -11.56
C LYS A 130 -17.27 -18.01 -10.40
N THR A 131 -18.23 -18.90 -10.61
CA THR A 131 -19.23 -19.19 -9.59
C THR A 131 -18.75 -19.91 -8.32
N GLN A 132 -17.97 -20.96 -8.47
CA GLN A 132 -17.50 -21.63 -7.28
C GLN A 132 -16.62 -20.67 -6.47
N MET A 133 -15.81 -19.86 -7.15
CA MET A 133 -14.94 -19.01 -6.40
C MET A 133 -15.70 -18.18 -5.41
N LEU A 134 -16.79 -17.58 -5.86
CA LEU A 134 -17.58 -16.74 -4.99
C LEU A 134 -18.24 -17.53 -3.86
N VAL A 135 -18.84 -18.67 -4.18
CA VAL A 135 -19.52 -19.49 -3.21
C VAL A 135 -18.58 -19.80 -2.07
N THR A 136 -17.43 -20.40 -2.41
CA THR A 136 -16.35 -20.64 -1.46
C THR A 136 -16.19 -19.39 -0.62
N GLN A 137 -16.02 -18.26 -1.28
CA GLN A 137 -15.88 -17.04 -0.51
C GLN A 137 -16.97 -16.94 0.57
N PHE A 138 -18.19 -17.35 0.24
CA PHE A 138 -19.27 -17.28 1.21
C PHE A 138 -19.23 -18.47 2.17
N GLU A 139 -18.77 -19.60 1.68
CA GLU A 139 -18.67 -20.76 2.52
C GLU A 139 -17.65 -20.48 3.59
N THR A 140 -16.75 -19.54 3.31
CA THR A 140 -15.69 -19.21 4.25
C THR A 140 -15.97 -18.02 5.20
N LEU A 141 -16.71 -17.03 4.73
CA LEU A 141 -16.89 -15.86 5.57
C LEU A 141 -17.60 -16.19 6.86
N GLN A 142 -17.29 -15.47 7.92
CA GLN A 142 -17.93 -15.66 9.19
C GLN A 142 -18.38 -14.26 9.51
N GLU A 143 -19.60 -13.93 9.14
CA GLU A 143 -20.09 -12.57 9.30
C GLU A 143 -20.02 -12.10 10.75
N PRO A 144 -19.42 -10.95 10.96
CA PRO A 144 -19.28 -10.40 12.30
C PRO A 144 -20.62 -10.28 12.99
N GLY A 145 -20.78 -10.97 14.12
CA GLY A 145 -21.99 -10.85 14.91
C GLY A 145 -22.01 -9.51 15.61
N ALA A 146 -22.95 -9.29 16.52
CA ALA A 146 -22.95 -7.98 17.22
C ALA A 146 -21.93 -7.94 18.35
N ASP A 147 -21.36 -9.10 18.69
CA ASP A 147 -20.34 -9.12 19.74
C ASP A 147 -19.08 -8.43 19.23
N GLU A 148 -18.86 -8.45 17.93
CA GLU A 148 -17.72 -7.74 17.37
C GLU A 148 -18.25 -6.36 17.09
N THR A 149 -17.97 -5.41 17.97
CA THR A 149 -18.56 -4.08 17.82
C THR A 149 -17.71 -3.10 17.03
N ASP A 150 -16.42 -3.36 16.94
CA ASP A 150 -15.56 -2.46 16.19
C ASP A 150 -15.79 -2.59 14.68
N VAL A 151 -16.87 -3.26 14.30
CA VAL A 151 -17.19 -3.44 12.88
C VAL A 151 -18.41 -2.69 12.31
N LEU A 152 -18.19 -1.60 11.57
CA LEU A 152 -19.29 -0.91 10.88
C LEU A 152 -19.58 -1.58 9.53
N VAL A 153 -20.63 -1.14 8.86
CA VAL A 153 -21.13 -1.86 7.71
C VAL A 153 -21.62 -0.89 6.67
N VAL A 154 -21.39 -1.26 5.42
CA VAL A 154 -21.73 -0.41 4.31
C VAL A 154 -22.32 -1.31 3.27
N ASP A 155 -23.37 -0.83 2.62
CA ASP A 155 -24.19 -1.62 1.70
C ASP A 155 -23.73 -1.51 0.27
N ILE A 156 -23.08 -2.57 -0.20
CA ILE A 156 -22.55 -2.62 -1.56
C ILE A 156 -23.60 -2.69 -2.68
N ASP A 157 -24.89 -2.62 -2.38
CA ASP A 157 -25.84 -2.73 -3.50
C ASP A 157 -26.19 -1.41 -4.14
N GLN A 158 -25.18 -0.58 -4.32
CA GLN A 158 -25.40 0.65 -5.02
C GLN A 158 -24.18 0.85 -5.86
N PRO A 159 -24.16 1.94 -6.59
CA PRO A 159 -23.07 2.21 -7.53
C PRO A 159 -21.85 2.60 -6.74
N LEU A 160 -20.70 2.55 -7.41
CA LEU A 160 -19.42 2.77 -6.78
C LEU A 160 -19.28 4.11 -6.13
N GLU A 161 -20.18 5.02 -6.45
CA GLU A 161 -20.05 6.39 -6.02
C GLU A 161 -20.68 6.61 -4.64
N GLY A 162 -21.57 5.71 -4.24
CA GLY A 162 -22.21 5.82 -2.95
C GLY A 162 -21.44 5.01 -1.94
N VAL A 163 -21.13 3.77 -2.33
CA VAL A 163 -20.30 2.91 -1.50
C VAL A 163 -19.18 3.81 -1.05
N VAL A 164 -18.57 4.51 -2.00
CA VAL A 164 -17.54 5.44 -1.57
C VAL A 164 -18.19 6.32 -0.53
N ALA A 165 -19.22 7.06 -0.94
CA ALA A 165 -19.91 8.03 -0.09
C ALA A 165 -20.34 7.51 1.25
N SER A 166 -20.58 6.21 1.34
CA SER A 166 -21.00 5.66 2.61
C SER A 166 -19.87 5.07 3.44
N THR A 167 -18.69 4.93 2.86
CA THR A 167 -17.59 4.46 3.66
C THR A 167 -17.14 5.74 4.37
N ILE A 168 -17.23 6.85 3.66
CA ILE A 168 -16.85 8.15 4.24
C ILE A 168 -17.77 8.46 5.42
N GLU A 169 -19.06 8.51 5.13
CA GLU A 169 -20.08 8.75 6.15
C GLU A 169 -19.75 7.82 7.29
N VAL A 170 -19.73 6.54 7.01
CA VAL A 170 -19.33 5.61 8.06
C VAL A 170 -18.06 6.06 8.78
N ILE A 171 -17.00 6.45 8.08
CA ILE A 171 -15.78 6.89 8.79
C ILE A 171 -15.91 8.20 9.54
N LYS A 172 -16.87 9.03 9.11
CA LYS A 172 -17.10 10.34 9.73
C LYS A 172 -17.99 10.17 10.93
N LYS A 173 -19.08 9.46 10.73
CA LYS A 173 -20.05 9.18 11.78
C LYS A 173 -19.37 9.00 13.14
N GLY A 174 -18.31 8.20 13.16
CA GLY A 174 -17.58 7.85 14.39
C GLY A 174 -16.31 8.65 14.65
N THR B 3 4.95 -16.13 -11.10
CA THR B 3 6.13 -15.63 -11.90
C THR B 3 5.99 -14.16 -12.35
N THR B 4 7.07 -13.64 -12.92
CA THR B 4 7.15 -12.31 -13.49
C THR B 4 6.24 -11.98 -14.69
N ASN B 5 5.36 -10.99 -14.57
CA ASN B 5 4.59 -10.61 -15.75
C ASN B 5 5.35 -9.44 -16.42
N HIS B 6 6.26 -9.80 -17.33
CA HIS B 6 7.10 -8.83 -18.01
C HIS B 6 6.28 -7.80 -18.80
N ASP B 7 4.97 -7.83 -18.70
CA ASP B 7 4.23 -6.72 -19.31
C ASP B 7 3.67 -5.83 -18.22
N HIS B 8 3.93 -6.21 -16.97
CA HIS B 8 3.53 -5.39 -15.84
C HIS B 8 4.79 -4.74 -15.40
N HIS B 9 4.70 -3.61 -14.71
CA HIS B 9 5.91 -2.94 -14.31
C HIS B 9 5.81 -2.30 -12.94
N ILE B 10 6.91 -2.34 -12.20
CA ILE B 10 6.93 -1.72 -10.89
C ILE B 10 7.82 -0.46 -10.89
N TYR B 11 7.29 0.68 -10.46
CA TYR B 11 8.04 1.90 -10.44
C TYR B 11 8.32 2.27 -8.99
N VAL B 12 9.59 2.43 -8.64
CA VAL B 12 9.95 2.82 -7.28
C VAL B 12 10.24 4.28 -7.25
N LEU B 13 9.53 5.06 -6.43
CA LEU B 13 9.88 6.49 -6.35
C LEU B 13 11.00 6.65 -5.34
N MET B 14 12.22 6.96 -5.79
CA MET B 14 13.31 7.15 -4.86
C MET B 14 13.68 8.60 -4.63
N GLY B 15 14.42 8.83 -3.58
CA GLY B 15 14.69 10.18 -3.23
C GLY B 15 14.68 10.37 -1.74
N VAL B 16 15.37 11.43 -1.33
CA VAL B 16 15.52 11.74 0.07
C VAL B 16 14.23 12.19 0.66
N SER B 17 14.16 12.10 1.99
CA SER B 17 13.03 12.62 2.72
C SER B 17 12.81 14.06 2.37
N GLY B 18 11.57 14.43 2.09
CA GLY B 18 11.29 15.80 1.70
C GLY B 18 11.13 16.05 0.23
N SER B 19 11.53 15.09 -0.60
CA SER B 19 11.36 15.26 -2.00
C SER B 19 9.91 15.14 -2.43
N GLY B 20 9.03 14.70 -1.53
CA GLY B 20 7.62 14.60 -1.86
C GLY B 20 7.12 13.31 -2.48
N LYS B 21 7.92 12.25 -2.34
CA LYS B 21 7.60 10.97 -2.93
C LYS B 21 6.14 10.55 -2.79
N SER B 22 5.70 10.46 -1.55
CA SER B 22 4.36 10.01 -1.25
C SER B 22 3.31 10.92 -1.85
N ALA B 23 3.59 12.21 -1.99
CA ALA B 23 2.60 13.13 -2.57
C ALA B 23 2.49 12.83 -4.04
N VAL B 24 3.62 12.89 -4.72
CA VAL B 24 3.66 12.65 -6.13
C VAL B 24 3.07 11.28 -6.44
N ALA B 25 3.61 10.26 -5.80
CA ALA B 25 3.22 8.91 -6.08
C ALA B 25 1.74 8.71 -5.93
N SER B 26 1.22 9.28 -4.88
CA SER B 26 -0.19 9.20 -4.60
C SER B 26 -1.04 9.69 -5.75
N GLU B 27 -0.72 10.88 -6.22
CA GLU B 27 -1.50 11.51 -7.25
C GLU B 27 -1.23 10.81 -8.55
N VAL B 28 0.01 10.46 -8.80
CA VAL B 28 0.29 9.81 -10.07
C VAL B 28 -0.53 8.55 -10.19
N ALA B 29 -0.60 7.80 -9.10
CA ALA B 29 -1.30 6.53 -9.12
C ALA B 29 -2.81 6.63 -9.22
N HIS B 30 -3.38 7.69 -8.69
CA HIS B 30 -4.81 7.89 -8.81
C HIS B 30 -5.06 8.30 -10.26
N GLN B 31 -4.03 8.75 -10.96
CA GLN B 31 -4.20 9.10 -12.37
C GLN B 31 -3.79 8.05 -13.39
N LEU B 32 -3.50 6.84 -12.97
CA LEU B 32 -3.12 5.81 -13.92
C LEU B 32 -3.75 4.54 -13.45
N HIS B 33 -4.67 4.70 -12.50
CA HIS B 33 -5.33 3.55 -11.92
C HIS B 33 -4.27 2.49 -11.73
N ALA B 34 -3.24 2.88 -10.98
CA ALA B 34 -2.10 2.05 -10.63
C ALA B 34 -2.10 1.67 -9.16
N ALA B 35 -1.47 0.54 -8.87
CA ALA B 35 -1.24 0.14 -7.53
C ALA B 35 -0.23 1.07 -6.91
N PHE B 36 -0.49 1.47 -5.66
CA PHE B 36 0.41 2.33 -4.93
C PHE B 36 0.74 1.77 -3.54
N LEU B 37 2.00 1.75 -3.17
CA LEU B 37 2.34 1.31 -1.83
C LEU B 37 3.39 2.25 -1.25
N ASP B 38 3.14 2.82 -0.07
CA ASP B 38 4.14 3.63 0.59
C ASP B 38 4.92 2.65 1.37
N GLY B 39 6.17 2.42 1.00
CA GLY B 39 6.95 1.39 1.64
C GLY B 39 7.36 1.64 3.06
N ASP B 40 7.07 2.81 3.59
CA ASP B 40 7.39 3.05 4.98
C ASP B 40 6.50 2.25 5.89
N PHE B 41 5.33 1.88 5.39
CA PHE B 41 4.41 1.06 6.15
C PHE B 41 4.89 -0.38 6.30
N LEU B 42 5.99 -0.75 5.65
CA LEU B 42 6.41 -2.15 5.70
C LEU B 42 7.54 -2.47 6.63
N HIS B 43 7.89 -1.53 7.48
CA HIS B 43 8.87 -1.80 8.51
C HIS B 43 8.32 -2.75 9.52
N PRO B 44 9.19 -3.58 10.07
CA PRO B 44 8.83 -4.47 11.19
C PRO B 44 8.51 -3.67 12.43
N ARG B 45 7.93 -4.35 13.40
CA ARG B 45 7.50 -3.75 14.64
C ARG B 45 8.60 -3.04 15.43
N ARG B 46 9.82 -3.58 15.41
CA ARG B 46 10.94 -2.95 16.08
C ARG B 46 11.29 -1.62 15.43
N ASN B 47 11.46 -1.66 14.10
CA ASN B 47 11.93 -0.46 13.40
C ASN B 47 11.11 0.77 13.77
N ILE B 48 9.82 0.54 13.92
CA ILE B 48 8.85 1.55 14.28
C ILE B 48 9.14 2.14 15.66
N GLU B 49 9.32 1.27 16.65
CA GLU B 49 9.61 1.78 17.98
C GLU B 49 10.96 2.51 17.99
N LYS B 50 11.98 1.92 17.35
CA LYS B 50 13.32 2.52 17.28
C LYS B 50 13.32 3.87 16.58
N MET B 51 12.37 4.09 15.68
CA MET B 51 12.31 5.37 15.01
C MET B 51 11.64 6.42 15.88
N ALA B 52 10.76 5.96 16.76
CA ALA B 52 10.01 6.80 17.69
C ALA B 52 10.79 7.11 19.00
N SER B 53 11.97 6.49 19.14
CA SER B 53 12.82 6.69 20.30
C SER B 53 13.75 7.87 20.02
N GLY B 54 13.81 8.28 18.75
CA GLY B 54 14.64 9.40 18.32
C GLY B 54 15.82 8.93 17.48
N GLU B 55 16.11 7.65 17.55
CA GLU B 55 17.27 7.06 16.88
C GLU B 55 16.98 6.60 15.44
N PRO B 56 17.93 6.85 14.53
CA PRO B 56 17.87 6.35 13.15
C PRO B 56 18.32 4.89 13.03
N LEU B 57 17.65 4.14 12.15
CA LEU B 57 17.96 2.74 11.89
C LEU B 57 19.31 2.60 11.24
N ASN B 58 19.77 1.35 11.15
CA ASN B 58 21.01 1.01 10.49
C ASN B 58 20.70 0.00 9.42
N ASP B 59 21.71 -0.34 8.63
CA ASP B 59 21.55 -1.30 7.54
C ASP B 59 20.92 -2.66 7.92
N ASP B 60 21.13 -3.08 9.17
CA ASP B 60 20.61 -4.37 9.57
C ASP B 60 19.11 -4.30 9.88
N ASP B 61 18.64 -3.13 10.28
CA ASP B 61 17.21 -2.96 10.42
C ASP B 61 16.65 -2.97 9.01
N ARG B 62 17.31 -2.24 8.11
CA ARG B 62 16.78 -2.07 6.78
C ARG B 62 16.59 -3.37 6.06
N LYS B 63 17.34 -4.38 6.46
CA LYS B 63 17.32 -5.65 5.77
C LYS B 63 15.93 -6.22 5.58
N PRO B 64 15.21 -6.47 6.65
CA PRO B 64 13.87 -7.05 6.53
C PRO B 64 12.95 -6.05 5.84
N TRP B 65 13.27 -4.76 5.95
CA TRP B 65 12.40 -3.76 5.36
C TRP B 65 12.48 -3.87 3.85
N LEU B 66 13.70 -3.94 3.33
CA LEU B 66 13.88 -4.04 1.92
C LEU B 66 13.32 -5.33 1.34
N GLN B 67 13.44 -6.43 2.08
CA GLN B 67 12.90 -7.69 1.59
C GLN B 67 11.38 -7.66 1.41
N ALA B 68 10.73 -6.98 2.33
CA ALA B 68 9.30 -6.83 2.32
C ALA B 68 8.90 -5.98 1.13
N LEU B 69 9.58 -4.88 0.93
CA LEU B 69 9.39 -4.13 -0.28
C LEU B 69 9.58 -5.06 -1.50
N ASN B 70 10.62 -5.89 -1.49
CA ASN B 70 10.90 -6.74 -2.62
C ASN B 70 9.75 -7.70 -2.78
N ASP B 71 9.26 -8.21 -1.65
CA ASP B 71 8.11 -9.12 -1.70
C ASP B 71 6.93 -8.34 -2.26
N ALA B 72 6.65 -7.17 -1.73
CA ALA B 72 5.51 -6.41 -2.21
C ALA B 72 5.53 -6.10 -3.71
N ALA B 73 6.73 -5.91 -4.24
CA ALA B 73 6.88 -5.58 -5.62
C ALA B 73 6.51 -6.84 -6.33
N PHE B 74 7.04 -7.94 -5.85
CA PHE B 74 6.72 -9.19 -6.47
C PHE B 74 5.23 -9.49 -6.47
N ALA B 75 4.55 -9.17 -5.37
CA ALA B 75 3.11 -9.35 -5.30
C ALA B 75 2.32 -8.35 -6.17
N MET B 76 2.75 -7.09 -6.21
CA MET B 76 2.01 -6.09 -6.97
C MET B 76 1.93 -6.36 -8.46
N GLN B 77 3.03 -6.88 -9.01
CA GLN B 77 3.18 -7.09 -10.44
C GLN B 77 2.45 -8.30 -10.99
N ARG B 78 1.86 -9.09 -10.11
CA ARG B 78 1.09 -10.24 -10.54
C ARG B 78 -0.25 -9.76 -11.07
N THR B 79 -0.76 -8.67 -10.54
CA THR B 79 -2.10 -8.24 -10.90
C THR B 79 -2.23 -6.82 -11.39
N ASN B 80 -1.13 -6.08 -11.45
CA ASN B 80 -1.18 -4.67 -11.86
C ASN B 80 -0.26 -4.37 -13.02
N LYS B 81 -0.80 -3.67 -14.00
CA LYS B 81 -0.03 -3.30 -15.17
C LYS B 81 1.12 -2.42 -14.71
N VAL B 82 0.81 -1.38 -13.96
CA VAL B 82 1.83 -0.51 -13.36
C VAL B 82 1.66 -0.41 -11.85
N SER B 83 2.76 -0.40 -11.11
CA SER B 83 2.73 -0.32 -9.66
C SER B 83 3.68 0.75 -9.17
N LEU B 84 3.25 1.54 -8.20
CA LEU B 84 4.19 2.49 -7.61
C LEU B 84 4.52 2.16 -6.14
N ILE B 85 5.81 2.06 -5.86
CA ILE B 85 6.28 1.85 -4.52
C ILE B 85 7.13 3.04 -4.08
N VAL B 86 6.83 3.57 -2.92
CA VAL B 86 7.64 4.65 -2.41
C VAL B 86 8.71 4.13 -1.47
N CYS B 87 9.95 4.42 -1.79
CA CYS B 87 11.08 4.06 -0.93
C CYS B 87 12.25 5.01 -1.25
N SER B 88 12.75 5.79 -0.30
CA SER B 88 13.86 6.69 -0.68
C SER B 88 15.03 6.00 -1.35
N ALA B 89 15.23 4.73 -0.99
CA ALA B 89 16.32 3.95 -1.57
C ALA B 89 17.56 4.75 -1.88
N LEU B 90 18.16 5.33 -0.85
CA LEU B 90 19.32 6.21 -0.98
C LEU B 90 20.68 5.54 -1.26
N LYS B 91 20.78 4.23 -1.13
CA LYS B 91 22.06 3.55 -1.45
C LYS B 91 22.06 2.48 -2.56
N LYS B 92 23.04 2.46 -3.47
CA LYS B 92 23.14 1.45 -4.52
C LYS B 92 22.68 0.15 -3.96
N HIS B 93 23.26 -0.30 -2.87
CA HIS B 93 22.93 -1.58 -2.26
C HIS B 93 21.46 -1.81 -1.95
N TYR B 94 20.75 -0.82 -1.45
CA TYR B 94 19.34 -1.00 -1.15
C TYR B 94 18.65 -1.16 -2.49
N ARG B 95 19.13 -0.36 -3.45
CA ARG B 95 18.57 -0.32 -4.79
C ARG B 95 18.61 -1.70 -5.47
N ASP B 96 19.72 -2.40 -5.28
CA ASP B 96 19.91 -3.72 -5.85
C ASP B 96 19.13 -4.73 -5.06
N LEU B 97 19.06 -4.55 -3.75
CA LEU B 97 18.25 -5.43 -2.94
C LEU B 97 16.84 -5.37 -3.48
N LEU B 98 16.43 -4.23 -4.04
CA LEU B 98 15.11 -4.17 -4.65
C LEU B 98 14.97 -4.88 -6.01
N ARG B 99 16.04 -4.99 -6.81
CA ARG B 99 16.02 -5.59 -8.17
C ARG B 99 16.13 -7.08 -8.19
N GLU B 100 16.69 -7.62 -7.12
CA GLU B 100 16.87 -9.05 -7.04
C GLU B 100 15.51 -9.72 -7.14
N GLY B 101 15.26 -10.38 -8.26
CA GLY B 101 13.99 -11.06 -8.44
C GLY B 101 12.96 -10.31 -9.26
N ASN B 102 13.09 -8.97 -9.31
CA ASN B 102 12.13 -8.18 -10.09
C ASN B 102 12.79 -7.45 -11.22
N PRO B 103 12.91 -8.09 -12.38
CA PRO B 103 13.55 -7.46 -13.53
C PRO B 103 12.57 -6.53 -14.13
N ASN B 104 11.31 -6.59 -13.69
CA ASN B 104 10.37 -5.63 -14.21
C ASN B 104 10.26 -4.42 -13.28
N LEU B 105 11.26 -4.23 -12.40
CA LEU B 105 11.33 -3.02 -11.58
C LEU B 105 12.39 -2.01 -12.07
N SER B 106 12.01 -0.72 -12.13
CA SER B 106 12.94 0.35 -12.37
C SER B 106 12.71 1.51 -11.33
N PHE B 107 13.54 2.54 -11.32
CA PHE B 107 13.32 3.63 -10.38
C PHE B 107 12.96 4.97 -11.02
N ILE B 108 12.24 5.81 -10.28
CA ILE B 108 12.02 7.18 -10.68
C ILE B 108 12.61 8.05 -9.60
N TYR B 109 13.69 8.75 -9.92
CA TYR B 109 14.31 9.61 -8.94
C TYR B 109 13.70 11.01 -9.06
N LEU B 110 13.03 11.45 -7.99
CA LEU B 110 12.49 12.80 -7.92
C LEU B 110 13.73 13.50 -7.46
N LYS B 111 14.26 14.39 -8.28
CA LYS B 111 15.58 14.86 -8.03
C LYS B 111 15.72 16.36 -7.85
N GLY B 112 16.60 16.76 -6.92
CA GLY B 112 16.91 18.15 -6.68
C GLY B 112 18.21 18.32 -5.90
N ASP B 113 18.88 19.46 -6.09
CA ASP B 113 20.09 19.66 -5.35
C ASP B 113 19.65 20.11 -3.96
N PHE B 114 20.53 20.00 -2.98
CA PHE B 114 20.13 20.37 -1.63
C PHE B 114 19.40 21.71 -1.54
N ASP B 115 19.88 22.73 -2.26
CA ASP B 115 19.29 24.04 -2.11
C ASP B 115 17.85 24.04 -2.61
N VAL B 116 17.65 23.34 -3.72
CA VAL B 116 16.32 23.25 -4.34
C VAL B 116 15.23 22.72 -3.42
N ILE B 117 15.54 21.61 -2.75
CA ILE B 117 14.61 20.92 -1.86
C ILE B 117 14.23 21.69 -0.60
N GLU B 118 15.22 22.32 0.04
CA GLU B 118 14.95 23.13 1.24
C GLU B 118 13.83 24.10 0.90
N SER B 119 14.09 24.96 -0.08
CA SER B 119 13.10 25.94 -0.47
C SER B 119 11.75 25.31 -0.74
N ARG B 120 11.72 24.08 -1.26
CA ARG B 120 10.45 23.45 -1.65
C ARG B 120 9.58 23.00 -0.50
N LEU B 121 10.19 22.82 0.66
CA LEU B 121 9.41 22.44 1.81
C LEU B 121 8.44 23.56 2.17
N LYS B 122 8.98 24.74 2.47
CA LYS B 122 8.19 25.93 2.85
C LYS B 122 6.80 25.98 2.24
N HIS B 127 4.44 23.65 12.23
CA HIS B 127 5.53 22.86 12.81
C HIS B 127 6.92 23.50 12.56
N PHE B 128 7.68 22.97 11.58
CA PHE B 128 8.93 23.57 11.09
C PHE B 128 9.99 22.73 10.28
N PHE B 129 10.74 23.46 9.45
CA PHE B 129 11.78 22.89 8.59
C PHE B 129 13.06 22.62 9.35
N LYS B 130 13.61 21.41 9.17
CA LYS B 130 14.78 20.97 9.92
C LYS B 130 16.03 20.92 9.09
N THR B 131 16.84 21.97 9.14
CA THR B 131 18.04 21.97 8.34
C THR B 131 18.74 20.60 8.39
N GLN B 132 19.18 20.19 9.57
CA GLN B 132 20.02 18.99 9.69
C GLN B 132 19.40 17.65 9.22
N MET B 133 18.08 17.50 9.21
CA MET B 133 17.55 16.23 8.70
C MET B 133 17.85 16.11 7.19
N LEU B 134 17.46 17.15 6.45
CA LEU B 134 17.80 17.22 5.04
C LEU B 134 19.30 17.05 4.85
N VAL B 135 20.10 17.76 5.61
CA VAL B 135 21.53 17.56 5.43
C VAL B 135 21.79 16.08 5.54
N THR B 136 21.29 15.44 6.59
CA THR B 136 21.56 14.02 6.77
C THR B 136 21.08 13.15 5.60
N GLN B 137 20.05 13.60 4.89
CA GLN B 137 19.58 12.80 3.78
C GLN B 137 20.59 12.84 2.65
N PHE B 138 21.10 14.02 2.33
CA PHE B 138 22.07 14.12 1.25
C PHE B 138 23.37 13.36 1.52
N GLU B 139 23.77 13.28 2.78
CA GLU B 139 25.02 12.61 3.08
C GLU B 139 24.84 11.12 2.92
N THR B 140 23.63 10.65 3.17
CA THR B 140 23.39 9.23 3.05
C THR B 140 23.23 8.83 1.58
N LEU B 141 22.69 9.75 0.75
CA LEU B 141 22.40 9.51 -0.65
C LEU B 141 23.57 9.18 -1.59
N GLN B 142 23.41 8.07 -2.29
CA GLN B 142 24.32 7.63 -3.34
C GLN B 142 23.51 7.76 -4.61
N GLU B 143 23.66 8.87 -5.29
CA GLU B 143 22.94 9.03 -6.55
C GLU B 143 23.25 7.90 -7.51
N PRO B 144 22.20 7.40 -8.14
CA PRO B 144 22.37 6.37 -9.14
C PRO B 144 23.37 6.85 -10.18
N GLY B 145 24.38 6.03 -10.44
CA GLY B 145 25.27 6.37 -11.52
C GLY B 145 24.72 5.87 -12.85
N ALA B 146 25.52 6.07 -13.90
CA ALA B 146 25.14 5.71 -15.25
C ALA B 146 24.94 4.23 -15.37
N ASP B 147 25.74 3.48 -14.65
CA ASP B 147 25.60 2.05 -14.64
C ASP B 147 24.21 1.65 -14.12
N GLU B 148 23.51 2.59 -13.51
CA GLU B 148 22.16 2.26 -13.09
C GLU B 148 21.14 2.79 -14.12
N THR B 149 20.81 1.94 -15.07
CA THR B 149 19.99 2.33 -16.22
C THR B 149 18.52 2.17 -16.07
N ASP B 150 18.10 1.49 -15.01
CA ASP B 150 16.68 1.33 -14.73
C ASP B 150 16.21 2.50 -13.91
N VAL B 151 16.95 3.60 -13.93
CA VAL B 151 16.56 4.78 -13.18
C VAL B 151 16.19 5.94 -14.04
N LEU B 152 14.96 6.38 -13.89
CA LEU B 152 14.46 7.55 -14.57
C LEU B 152 14.50 8.69 -13.56
N VAL B 153 14.72 9.90 -14.05
CA VAL B 153 14.92 11.07 -13.24
C VAL B 153 13.84 12.09 -13.46
N VAL B 154 13.35 12.68 -12.39
CA VAL B 154 12.30 13.69 -12.47
C VAL B 154 12.76 14.89 -11.70
N ASP B 155 12.30 16.09 -12.06
CA ASP B 155 12.79 17.32 -11.44
C ASP B 155 11.79 17.99 -10.47
N ILE B 156 12.12 18.01 -9.18
CA ILE B 156 11.18 18.51 -8.19
C ILE B 156 11.02 20.02 -8.13
N ASP B 157 11.94 20.72 -8.78
CA ASP B 157 11.84 22.16 -8.76
C ASP B 157 10.67 22.67 -9.56
N GLN B 158 9.51 22.14 -9.25
CA GLN B 158 8.28 22.61 -9.85
C GLN B 158 7.22 22.27 -8.84
N PRO B 159 6.03 22.84 -8.99
CA PRO B 159 4.90 22.50 -8.14
C PRO B 159 4.58 21.00 -8.24
N LEU B 160 3.49 20.56 -7.62
CA LEU B 160 3.05 19.16 -7.54
C LEU B 160 2.49 18.65 -8.85
N GLU B 161 1.62 19.46 -9.43
CA GLU B 161 1.02 19.18 -10.72
C GLU B 161 2.07 18.84 -11.76
N GLY B 162 3.15 19.60 -11.81
CA GLY B 162 4.19 19.34 -12.77
C GLY B 162 5.00 18.11 -12.40
N VAL B 163 5.37 17.99 -11.14
CA VAL B 163 6.18 16.85 -10.79
C VAL B 163 5.35 15.66 -11.18
N VAL B 164 4.04 15.84 -11.03
CA VAL B 164 3.12 14.77 -11.24
C VAL B 164 3.04 14.47 -12.70
N ALA B 165 2.91 15.54 -13.45
CA ALA B 165 2.83 15.49 -14.90
C ALA B 165 4.07 14.86 -15.51
N SER B 166 5.23 15.09 -14.90
CA SER B 166 6.48 14.54 -15.38
C SER B 166 6.81 13.10 -14.95
N THR B 167 6.17 12.62 -13.90
CA THR B 167 6.39 11.24 -13.50
C THR B 167 5.58 10.43 -14.50
N ILE B 168 4.41 10.97 -14.83
CA ILE B 168 3.53 10.33 -15.78
C ILE B 168 4.24 10.21 -17.09
N GLU B 169 4.74 11.34 -17.60
CA GLU B 169 5.45 11.38 -18.88
C GLU B 169 6.60 10.40 -18.83
N VAL B 170 7.37 10.50 -17.77
CA VAL B 170 8.43 9.52 -17.61
C VAL B 170 7.88 8.09 -17.69
N ILE B 171 6.78 7.80 -17.01
CA ILE B 171 6.26 6.45 -17.05
C ILE B 171 5.74 6.06 -18.42
N LYS B 172 5.21 7.06 -19.14
CA LYS B 172 4.68 6.86 -20.48
C LYS B 172 5.81 6.72 -21.49
N LYS B 173 6.79 7.61 -21.41
CA LYS B 173 7.90 7.66 -22.35
C LYS B 173 8.43 6.29 -22.63
N GLY B 174 8.48 5.47 -21.58
CA GLY B 174 9.08 4.15 -21.67
C GLY B 174 8.08 3.02 -21.79
C1 6PG C . -14.31 -13.20 -9.66
C2 6PG C . -13.20 -12.45 -8.89
C3 6PG C . -12.71 -11.18 -9.60
C4 6PG C . -11.24 -10.73 -9.46
C5 6PG C . -11.22 -9.55 -8.53
C6 6PG C . -9.97 -9.59 -7.60
O1A 6PG C . -14.28 -13.11 -10.96
O1 6PG C . -15.24 -13.95 -9.03
O2 6PG C . -13.78 -12.16 -7.65
O3 6PG C . -13.40 -10.04 -9.12
O4 6PG C . -10.31 -11.60 -8.88
O5 6PG C . -11.43 -8.42 -9.36
O6 6PG C . -10.35 -8.85 -6.44
P 6PG C . -10.36 -9.09 -4.84
O1P 6PG C . -10.11 -10.43 -4.33
O2P 6PG C . -11.68 -8.56 -4.34
O3P 6PG C . -9.25 -8.19 -4.27
MG MG D . -9.04 -6.16 -4.39
C1 6PG E . 11.67 17.62 7.15
C2 6PG E . 10.95 16.32 6.74
C3 6PG E . 9.46 16.45 6.49
C4 6PG E . 8.60 15.25 6.96
C5 6PG E . 7.90 14.57 5.80
C6 6PG E . 8.17 13.05 5.81
O1A 6PG E . 11.12 18.49 7.95
O1 6PG E . 12.88 17.83 6.69
O2 6PG E . 11.51 15.91 5.53
O3 6PG E . 9.29 16.62 5.10
O4 6PG E . 9.34 14.26 7.63
O5 6PG E . 6.53 14.83 5.90
O6 6PG E . 9.21 12.76 4.90
P 6PG E . 9.16 11.53 3.86
O1P 6PG E . 10.18 10.54 4.27
O2P 6PG E . 9.46 12.11 2.47
O3P 6PG E . 7.82 10.80 3.77
#